data_6GDN
#
_entry.id   6GDN
#
_cell.length_a   49.937
_cell.length_b   45.374
_cell.length_c   63.828
_cell.angle_alpha   90.000
_cell.angle_beta   101.010
_cell.angle_gamma   90.000
#
_symmetry.space_group_name_H-M   'P 1 21 1'
#
loop_
_entity.id
_entity.type
_entity.pdbx_description
1 polymer 'Telomere DNA (42-MER)'
2 non-polymer 'MAGNESIUM ION'
#
_entity_poly.entity_id   1
_entity_poly.type   'polydeoxyribonucleotide'
_entity_poly.pdbx_seq_one_letter_code
;(DG)(DG)(DT)(DT)(DA)(DG)(DG)(DG)(DT)(DT)(DC)(DT)(DT)(DG)(DA)(DA)(DC)(DC)(DC)(DT)
(DT)(DG)(DG)(DG)(DT)(DT)(DA)(DC)(DT)(DT)(DG)(DT)(DA)(DA)(DC)(DC)(DC)(DT)(DA)(DA)
(DC)(DC)
;
_entity_poly.pdbx_strand_id   A,B
#